data_7RTI
#
_entry.id   7RTI
#
_cell.length_a   67.790
_cell.length_b   97.080
_cell.length_c   105.540
_cell.angle_alpha   90.00
_cell.angle_beta   90.00
_cell.angle_gamma   90.00
#
_symmetry.space_group_name_H-M   'P 21 21 21'
#
loop_
_entity.id
_entity.type
_entity.pdbx_description
1 polymer "DNA (5'-D(*AP*AP*TP*CP*TP*TP*TP*CP*CP*CP*AP*CP*GP*GP*T)-3')"
2 polymer "DNA (5'-D(*TP*TP*AP*CP*CP*GP*TP*GP*GP*GP*AP*AP*AP*GP*A)-3')"
3 polymer 'Recombining binding protein suppressor of hairless'
4 polymer 'Lethal(3)malignant brain tumor-like protein 3'
5 non-polymer 1,2-ETHANEDIOL
6 water water
#
loop_
_entity_poly.entity_id
_entity_poly.type
_entity_poly.pdbx_seq_one_letter_code
_entity_poly.pdbx_strand_id
1 'polydeoxyribonucleotide' (DA)(DA)(DT)(DC)(DT)(DT)(DT)(DC)(DC)(DC)(DA)(DC)(DG)(DG)(DT) A
2 'polydeoxyribonucleotide' (DT)(DT)(DA)(DC)(DC)(DG)(DT)(DG)(DG)(DG)(DA)(DA)(DA)(DG)(DA) B
3 'polypeptide(L)'
;SPPKRLTREAMRNYLKERGDQTVLILHAKVAQKSYGNEKRFFCPPPCVYLMGSGWKKKKEQMERDGCSEQESQPCAFIGI
GNSDQEMQQLNLEGKNYCTAKTLYISDSDKRKHFMLSVKMFYGNSDDIGVFLSKRIKVISKPSKKKQSLKNADLCIASGT
KVALFNRLRSQTVSTRYLHVEGGNFHASSQQWGAFYIHLLDDDESEGEEFTVRDGYIHYGQTVKLVCSVTGMALPRLIIR
KVDKQTALLDADDPVSQLHKCAFYLKDTERMYLCLSQERIIQFQATPCPKEQNKEMINDGASWTIISTDKAEYTFYEGMG
PVLAPVTPVPVVESLQLNGGGDVAMLELTGQNFTPNLRVWFGDVEAETMYRCGESMLCVVPDISAFREGWRWVRQPVQVP
VTLVRNDGVIYSTSLTFTYTPEP
;
C
4 'polypeptide(L)' KKATATTWMVPTA D
#
# COMPACT_ATOMS: atom_id res chain seq x y z
N SER C 1 -12.17 -37.42 -5.18
CA SER C 1 -13.39 -36.63 -5.34
C SER C 1 -13.13 -35.15 -5.08
N PRO C 2 -13.74 -34.28 -5.88
CA PRO C 2 -13.59 -32.84 -5.67
C PRO C 2 -13.92 -32.45 -4.24
N PRO C 3 -13.29 -31.40 -3.72
CA PRO C 3 -13.58 -30.97 -2.35
C PRO C 3 -14.97 -30.37 -2.26
N LYS C 4 -15.45 -30.27 -1.02
CA LYS C 4 -16.80 -29.77 -0.74
C LYS C 4 -16.95 -28.31 -1.12
N ARG C 5 -18.04 -27.97 -1.81
CA ARG C 5 -18.38 -26.60 -2.13
C ARG C 5 -19.01 -25.89 -0.93
N LEU C 6 -18.93 -24.56 -0.95
CA LEU C 6 -19.49 -23.77 0.16
C LEU C 6 -21.01 -23.93 0.24
N THR C 7 -21.50 -24.28 1.42
CA THR C 7 -22.93 -24.39 1.67
C THR C 7 -23.47 -23.03 2.12
N ARG C 8 -24.80 -22.86 1.97
CA ARG C 8 -25.43 -21.63 2.44
C ARG C 8 -25.26 -21.43 3.94
N GLU C 9 -25.35 -22.51 4.71
CA GLU C 9 -25.12 -22.42 6.14
C GLU C 9 -23.71 -21.92 6.44
N ALA C 10 -22.71 -22.41 5.70
CA ALA C 10 -21.34 -21.97 5.99
C ALA C 10 -21.14 -20.51 5.59
N MET C 11 -21.83 -20.04 4.55
CA MET C 11 -21.73 -18.64 4.18
C MET C 11 -22.36 -17.74 5.24
N ARG C 12 -23.50 -18.17 5.81
CA ARG C 12 -24.13 -17.41 6.89
C ARG C 12 -23.22 -17.32 8.10
N ASN C 13 -22.55 -18.43 8.42
CA ASN C 13 -21.60 -18.43 9.54
C ASN C 13 -20.48 -17.43 9.30
N TYR C 14 -19.93 -17.40 8.08
CA TYR C 14 -18.87 -16.44 7.76
C TYR C 14 -19.35 -15.01 7.88
N LEU C 15 -20.53 -14.72 7.35
CA LEU C 15 -21.02 -13.34 7.37
C LEU C 15 -21.26 -12.86 8.80
N LYS C 16 -21.58 -13.78 9.72
CA LYS C 16 -21.75 -13.41 11.12
C LYS C 16 -20.41 -13.12 11.79
N GLU C 17 -19.46 -14.05 11.70
CA GLU C 17 -18.16 -13.92 12.36
C GLU C 17 -17.07 -13.88 11.29
N ARG C 18 -16.80 -12.68 10.77
CA ARG C 18 -15.90 -12.48 9.63
C ARG C 18 -14.44 -12.54 10.08
N GLY C 19 -13.90 -13.75 10.14
CA GLY C 19 -12.49 -13.85 10.47
C GLY C 19 -11.50 -13.90 9.31
N ASP C 20 -11.44 -12.86 8.49
CA ASP C 20 -10.64 -12.87 7.26
C ASP C 20 -9.14 -12.88 7.54
N GLN C 21 -8.39 -13.52 6.65
CA GLN C 21 -6.93 -13.44 6.63
C GLN C 21 -6.51 -12.50 5.51
N THR C 22 -5.67 -11.52 5.84
CA THR C 22 -5.23 -10.52 4.87
C THR C 22 -3.70 -10.48 4.80
N VAL C 23 -3.18 -10.40 3.58
CA VAL C 23 -1.75 -10.14 3.35
C VAL C 23 -1.62 -8.78 2.69
N LEU C 24 -0.74 -7.93 3.25
CA LEU C 24 -0.43 -6.62 2.69
C LEU C 24 1.03 -6.59 2.27
N ILE C 25 1.32 -6.08 1.08
CA ILE C 25 2.69 -5.84 0.67
C ILE C 25 2.85 -4.34 0.39
N LEU C 26 3.64 -3.66 1.21
CA LEU C 26 3.94 -2.24 0.99
C LEU C 26 5.34 -2.11 0.40
N HIS C 27 5.48 -1.26 -0.62
CA HIS C 27 6.75 -1.21 -1.34
C HIS C 27 6.82 0.06 -2.18
N ALA C 28 8.03 0.39 -2.62
CA ALA C 28 8.23 1.52 -3.51
C ALA C 28 7.77 1.20 -4.94
N LYS C 29 7.44 2.26 -5.70
CA LYS C 29 7.00 2.11 -7.09
C LYS C 29 8.13 2.02 -8.10
N VAL C 30 9.35 2.41 -7.73
CA VAL C 30 10.49 2.33 -8.63
C VAL C 30 11.65 1.70 -7.87
N ALA C 31 12.66 1.29 -8.60
CA ALA C 31 13.86 0.74 -7.97
C ALA C 31 15.03 0.84 -8.93
N GLN C 32 16.18 1.24 -8.41
CA GLN C 32 17.37 1.37 -9.22
C GLN C 32 18.07 0.03 -9.37
N LYS C 33 18.47 -0.29 -10.58
CA LYS C 33 19.06 -1.58 -10.84
C LYS C 33 20.53 -1.60 -10.41
N SER C 34 21.03 -2.82 -10.19
CA SER C 34 22.42 -3.07 -9.81
C SER C 34 23.20 -3.68 -10.97
N TYR C 35 24.38 -3.17 -11.23
CA TYR C 35 25.26 -3.66 -12.28
C TYR C 35 26.35 -4.57 -11.69
N GLY C 36 26.92 -5.41 -12.55
CA GLY C 36 28.03 -6.25 -12.11
C GLY C 36 27.61 -7.10 -10.92
N ASN C 37 28.42 -7.08 -9.87
CA ASN C 37 28.13 -7.83 -8.65
C ASN C 37 27.65 -6.95 -7.50
N GLU C 38 27.36 -5.67 -7.73
CA GLU C 38 26.98 -4.80 -6.64
C GLU C 38 25.55 -5.10 -6.18
N LYS C 39 25.19 -4.55 -5.01
CA LYS C 39 23.83 -4.68 -4.49
C LYS C 39 23.35 -3.28 -4.11
N ARG C 40 22.35 -2.76 -4.82
CA ARG C 40 21.74 -1.48 -4.50
C ARG C 40 20.36 -1.82 -3.96
N PHE C 41 20.23 -1.80 -2.64
CA PHE C 41 19.05 -2.35 -1.98
C PHE C 41 17.80 -1.50 -2.27
N PHE C 42 16.66 -2.17 -2.33
CA PHE C 42 15.39 -1.46 -2.41
C PHE C 42 15.20 -0.64 -1.14
N CYS C 43 14.96 0.66 -1.32
CA CYS C 43 14.76 1.59 -0.22
C CYS C 43 13.55 2.43 -0.56
N PRO C 44 12.52 2.49 0.30
CA PRO C 44 12.40 1.76 1.56
C PRO C 44 12.24 0.24 1.34
N PRO C 45 12.55 -0.53 2.37
CA PRO C 45 12.50 -1.97 2.25
C PRO C 45 11.06 -2.45 2.16
N PRO C 46 10.75 -3.34 1.20
CA PRO C 46 9.38 -3.85 1.12
C PRO C 46 8.98 -4.49 2.44
N CYS C 47 7.71 -4.32 2.80
CA CYS C 47 7.21 -4.77 4.10
C CYS C 47 5.96 -5.61 3.93
N VAL C 48 5.96 -6.81 4.52
CA VAL C 48 4.82 -7.73 4.46
C VAL C 48 4.08 -7.68 5.80
N TYR C 49 2.74 -7.56 5.74
CA TYR C 49 1.89 -7.53 6.93
C TYR C 49 0.85 -8.62 6.88
N LEU C 50 0.63 -9.28 8.01
CA LEU C 50 -0.41 -10.29 8.16
C LEU C 50 -1.52 -9.66 9.00
N MET C 51 -2.54 -9.13 8.34
CA MET C 51 -3.59 -8.37 9.01
C MET C 51 -4.85 -9.21 9.20
N GLY C 52 -5.68 -8.74 10.12
CA GLY C 52 -7.00 -9.35 10.28
C GLY C 52 -7.05 -10.34 11.42
N SER C 53 -8.24 -10.50 12.01
CA SER C 53 -8.39 -11.47 13.09
C SER C 53 -8.25 -12.91 12.59
N GLY C 54 -8.19 -13.12 11.27
CA GLY C 54 -8.22 -14.48 10.77
C GLY C 54 -6.98 -15.28 11.07
N TRP C 55 -5.84 -14.60 11.26
CA TRP C 55 -4.59 -15.33 11.53
C TRP C 55 -4.66 -16.02 12.88
N LYS C 56 -5.14 -15.30 13.90
CA LYS C 56 -5.30 -15.90 15.22
C LYS C 56 -6.35 -17.00 15.21
N LYS C 57 -7.47 -16.77 14.52
CA LYS C 57 -8.48 -17.81 14.40
C LYS C 57 -7.90 -19.04 13.73
N LYS C 58 -7.19 -18.86 12.62
CA LYS C 58 -6.56 -19.98 11.93
C LYS C 58 -5.55 -20.69 12.82
N LYS C 59 -4.75 -19.92 13.58
CA LYS C 59 -3.79 -20.52 14.48
C LYS C 59 -4.46 -21.43 15.52
N GLU C 60 -5.56 -20.96 16.12
CA GLU C 60 -6.27 -21.76 17.11
C GLU C 60 -6.91 -23.00 16.48
N GLN C 61 -7.44 -22.86 15.26
CA GLN C 61 -7.97 -24.03 14.56
C GLN C 61 -6.89 -25.10 14.37
N MET C 62 -5.69 -24.70 13.97
CA MET C 62 -4.64 -25.67 13.72
C MET C 62 -4.21 -26.34 15.02
N GLU C 63 -4.08 -25.57 16.09
CA GLU C 63 -3.63 -26.15 17.35
C GLU C 63 -4.70 -27.03 17.98
N ARG C 64 -5.98 -26.67 17.83
CA ARG C 64 -7.06 -27.56 18.20
C ARG C 64 -6.98 -28.89 17.47
N ASP C 65 -6.45 -28.90 16.26
CA ASP C 65 -6.32 -30.11 15.46
C ASP C 65 -4.98 -30.80 15.66
N GLY C 66 -4.24 -30.46 16.72
CA GLY C 66 -3.03 -31.16 17.09
C GLY C 66 -1.74 -30.44 16.79
N CYS C 67 -1.78 -29.32 16.09
CA CYS C 67 -0.54 -28.64 15.72
C CYS C 67 0.11 -27.99 16.93
N SER C 68 1.42 -28.15 17.03
CA SER C 68 2.21 -27.41 17.99
C SER C 68 2.24 -25.93 17.60
N GLU C 69 2.70 -25.11 18.55
CA GLU C 69 2.85 -23.69 18.30
C GLU C 69 3.76 -23.43 17.10
N GLN C 70 4.84 -24.21 16.97
CA GLN C 70 5.78 -23.99 15.88
C GLN C 70 5.17 -24.37 14.53
N GLU C 71 4.36 -25.43 14.51
CA GLU C 71 3.72 -25.86 13.27
C GLU C 71 2.63 -24.90 12.78
N SER C 72 2.04 -24.11 13.69
CA SER C 72 1.01 -23.15 13.33
C SER C 72 1.57 -21.78 12.96
N GLN C 73 2.86 -21.59 13.11
CA GLN C 73 3.48 -20.32 12.76
C GLN C 73 3.52 -20.10 11.25
N PRO C 74 3.06 -18.96 10.74
CA PRO C 74 3.23 -18.67 9.32
C PRO C 74 4.69 -18.38 8.97
N CYS C 75 5.11 -18.87 7.81
CA CYS C 75 6.45 -18.59 7.27
C CYS C 75 6.30 -17.84 5.96
N ALA C 76 7.31 -17.04 5.62
CA ALA C 76 7.22 -16.25 4.39
C ALA C 76 8.61 -16.02 3.81
N PHE C 77 8.68 -16.04 2.48
CA PHE C 77 9.87 -15.73 1.71
C PHE C 77 9.48 -14.67 0.69
N ILE C 78 10.45 -13.85 0.29
CA ILE C 78 10.18 -12.80 -0.70
C ILE C 78 11.34 -12.75 -1.69
N GLY C 79 11.02 -12.41 -2.93
CA GLY C 79 12.00 -12.36 -3.98
C GLY C 79 11.45 -11.61 -5.16
N ILE C 80 12.35 -11.34 -6.11
CA ILE C 80 11.94 -10.84 -7.42
C ILE C 80 11.13 -11.91 -8.12
N GLY C 81 9.94 -11.55 -8.58
CA GLY C 81 9.09 -12.54 -9.25
C GLY C 81 9.65 -12.92 -10.61
N ASN C 82 9.48 -14.19 -10.97
CA ASN C 82 9.86 -14.68 -12.31
C ASN C 82 11.33 -14.38 -12.62
N SER C 83 12.22 -14.75 -11.69
CA SER C 83 13.64 -14.52 -11.90
C SER C 83 14.42 -15.67 -11.29
N ASP C 84 15.68 -15.77 -11.73
CA ASP C 84 16.62 -16.71 -11.15
C ASP C 84 17.20 -16.24 -9.81
N GLN C 85 17.02 -14.96 -9.44
CA GLN C 85 17.54 -14.50 -8.15
C GLN C 85 16.85 -15.25 -7.01
N GLU C 86 17.59 -15.47 -5.93
CA GLU C 86 17.11 -16.32 -4.84
C GLU C 86 16.09 -15.58 -3.96
N MET C 87 15.18 -16.35 -3.38
CA MET C 87 14.25 -15.76 -2.41
C MET C 87 14.92 -15.65 -1.04
N GLN C 88 14.42 -14.70 -0.24
CA GLN C 88 14.98 -14.42 1.07
C GLN C 88 13.90 -14.59 2.14
N GLN C 89 14.29 -15.22 3.25
CA GLN C 89 13.32 -15.54 4.29
C GLN C 89 13.01 -14.29 5.09
N LEU C 90 11.73 -14.07 5.37
CA LEU C 90 11.31 -13.04 6.30
C LEU C 90 11.23 -13.63 7.70
N ASN C 91 11.45 -12.80 8.71
CA ASN C 91 11.32 -13.25 10.10
C ASN C 91 10.01 -12.72 10.67
N LEU C 92 9.03 -13.62 10.84
CA LEU C 92 7.72 -13.26 11.34
C LEU C 92 7.46 -13.75 12.76
N GLU C 93 8.50 -14.20 13.47
CA GLU C 93 8.27 -14.69 14.83
C GLU C 93 7.95 -13.54 15.77
N GLY C 94 6.84 -13.67 16.50
CA GLY C 94 6.44 -12.70 17.49
C GLY C 94 5.86 -11.42 16.96
N LYS C 95 5.84 -11.23 15.64
CA LYS C 95 5.34 -10.00 15.04
C LYS C 95 4.38 -10.35 13.91
N ASN C 96 3.58 -9.38 13.51
CA ASN C 96 2.67 -9.58 12.39
C ASN C 96 3.17 -8.92 11.10
N TYR C 97 4.45 -8.55 11.05
CA TYR C 97 5.02 -7.85 9.90
C TYR C 97 6.52 -8.09 9.89
N CYS C 98 7.10 -8.02 8.69
CA CYS C 98 8.56 -8.06 8.55
C CYS C 98 8.96 -7.28 7.31
N THR C 99 10.13 -6.65 7.37
CA THR C 99 10.69 -5.92 6.24
C THR C 99 11.78 -6.74 5.58
N ALA C 100 11.94 -6.55 4.28
CA ALA C 100 12.98 -7.21 3.51
C ALA C 100 14.03 -6.16 3.17
N LYS C 101 15.15 -6.18 3.88
CA LYS C 101 16.12 -5.09 3.86
C LYS C 101 17.22 -5.24 2.82
N THR C 102 17.38 -6.41 2.21
CA THR C 102 18.51 -6.64 1.32
C THR C 102 18.08 -7.18 -0.04
N LEU C 103 16.94 -6.72 -0.54
CA LEU C 103 16.52 -7.06 -1.90
C LEU C 103 17.18 -6.12 -2.91
N TYR C 104 17.43 -6.64 -4.11
CA TYR C 104 18.02 -5.85 -5.18
C TYR C 104 17.70 -6.55 -6.50
N ILE C 105 17.75 -5.80 -7.60
CA ILE C 105 17.51 -6.41 -8.91
C ILE C 105 18.74 -6.20 -9.77
N SER C 106 19.30 -7.31 -10.24
CA SER C 106 20.49 -7.34 -11.09
C SER C 106 20.16 -6.95 -12.52
N ASP C 107 21.16 -6.40 -13.22
CA ASP C 107 20.97 -6.10 -14.63
C ASP C 107 21.00 -7.34 -15.52
N SER C 108 21.24 -8.54 -14.94
CA SER C 108 20.92 -9.79 -15.64
C SER C 108 19.46 -9.81 -16.08
N ASP C 109 18.56 -9.29 -15.26
CA ASP C 109 17.17 -9.15 -15.63
C ASP C 109 17.02 -8.01 -16.61
N LYS C 110 16.34 -8.29 -17.73
CA LYS C 110 16.17 -7.31 -18.79
C LYS C 110 14.79 -6.63 -18.76
N ARG C 111 13.97 -6.91 -17.75
CA ARG C 111 12.62 -6.37 -17.76
C ARG C 111 12.62 -4.89 -17.37
N LYS C 112 11.61 -4.19 -17.86
CA LYS C 112 11.43 -2.79 -17.50
C LYS C 112 10.57 -2.62 -16.26
N HIS C 113 9.73 -3.60 -15.95
CA HIS C 113 8.93 -3.63 -14.74
C HIS C 113 8.99 -5.03 -14.15
N PHE C 114 8.84 -5.13 -12.84
CA PHE C 114 8.75 -6.44 -12.20
C PHE C 114 7.82 -6.34 -11.01
N MET C 115 7.47 -7.49 -10.44
CA MET C 115 6.74 -7.57 -9.18
C MET C 115 7.54 -8.38 -8.18
N LEU C 116 7.36 -8.05 -6.90
CA LEU C 116 7.87 -8.88 -5.83
C LEU C 116 6.93 -10.07 -5.66
N SER C 117 7.49 -11.19 -5.22
CA SER C 117 6.76 -12.42 -5.03
C SER C 117 6.94 -12.86 -3.59
N VAL C 118 5.82 -13.00 -2.86
CA VAL C 118 5.87 -13.42 -1.47
C VAL C 118 5.27 -14.82 -1.38
N LYS C 119 6.10 -15.80 -1.01
CA LYS C 119 5.67 -17.19 -0.85
C LYS C 119 5.43 -17.49 0.62
N MET C 120 4.26 -18.05 0.94
CA MET C 120 3.89 -18.30 2.33
C MET C 120 3.40 -19.73 2.55
N PHE C 121 3.72 -20.27 3.72
CA PHE C 121 3.22 -21.57 4.15
C PHE C 121 3.30 -21.62 5.66
N TYR C 122 2.61 -22.59 6.25
CA TYR C 122 2.67 -22.75 7.70
C TYR C 122 3.81 -23.69 8.07
N GLY C 123 4.18 -23.65 9.37
CA GLY C 123 5.28 -24.46 9.86
C GLY C 123 5.09 -25.97 9.67
N ASN C 124 3.84 -26.42 9.54
CA ASN C 124 3.61 -27.83 9.23
C ASN C 124 3.69 -28.12 7.73
N SER C 125 4.15 -27.17 6.92
CA SER C 125 4.29 -27.24 5.47
C SER C 125 2.98 -27.13 4.70
N ASP C 126 1.84 -26.88 5.36
CA ASP C 126 0.61 -26.61 4.62
C ASP C 126 0.78 -25.34 3.80
N ASP C 127 0.48 -25.42 2.51
CA ASP C 127 0.70 -24.29 1.62
C ASP C 127 -0.35 -23.20 1.80
N ILE C 128 0.07 -21.95 1.71
CA ILE C 128 -0.86 -20.82 1.66
C ILE C 128 -0.91 -20.28 0.25
N GLY C 129 0.24 -19.82 -0.25
CA GLY C 129 0.39 -19.54 -1.67
C GLY C 129 1.43 -18.47 -1.91
N VAL C 130 1.28 -17.81 -3.06
CA VAL C 130 2.21 -16.80 -3.55
C VAL C 130 1.41 -15.53 -3.83
N PHE C 131 1.82 -14.42 -3.22
CA PHE C 131 1.16 -13.13 -3.35
C PHE C 131 2.12 -12.16 -4.05
N LEU C 132 1.61 -11.42 -5.01
CA LEU C 132 2.43 -10.52 -5.83
C LEU C 132 2.24 -9.06 -5.42
N SER C 133 3.34 -8.30 -5.46
CA SER C 133 3.24 -6.87 -5.18
C SER C 133 2.62 -6.18 -6.38
N LYS C 134 2.44 -4.87 -6.26
CA LYS C 134 2.10 -4.06 -7.43
C LYS C 134 3.34 -3.95 -8.33
N ARG C 135 3.16 -3.36 -9.51
CA ARG C 135 4.24 -3.28 -10.49
C ARG C 135 5.31 -2.30 -10.03
N ILE C 136 6.58 -2.65 -10.26
CA ILE C 136 7.71 -1.81 -9.86
C ILE C 136 8.55 -1.50 -11.09
N LYS C 137 8.83 -0.22 -11.31
CA LYS C 137 9.57 0.25 -12.47
C LYS C 137 11.07 0.25 -12.20
N VAL C 138 11.84 -0.32 -13.13
CA VAL C 138 13.30 -0.35 -13.05
C VAL C 138 13.87 0.93 -13.66
N ILE C 139 14.74 1.62 -12.93
CA ILE C 139 15.52 2.71 -13.54
C ILE C 139 17.00 2.37 -13.47
N SER C 140 17.74 2.90 -14.46
CA SER C 140 19.19 2.74 -14.45
C SER C 140 19.82 3.65 -13.41
N LYS C 141 19.45 4.93 -13.44
CA LYS C 141 19.75 5.91 -12.41
C LYS C 141 18.91 7.16 -12.72
N PRO C 142 18.62 8.00 -11.72
CA PRO C 142 17.80 9.19 -11.98
C PRO C 142 18.43 10.15 -12.98
N SER C 143 17.60 10.74 -13.82
CA SER C 143 18.08 11.75 -14.74
C SER C 143 18.54 13.00 -13.97
N LYS C 144 19.43 13.76 -14.59
CA LYS C 144 19.84 15.05 -14.06
C LYS C 144 19.00 16.20 -14.58
N LYS C 145 18.19 15.96 -15.62
CA LYS C 145 17.40 17.01 -16.25
C LYS C 145 16.09 17.21 -15.52
N LYS C 146 15.56 18.42 -15.62
CA LYS C 146 14.22 18.71 -15.11
C LYS C 146 13.23 17.67 -15.62
N GLN C 147 12.33 17.25 -14.74
CA GLN C 147 11.40 16.17 -15.05
C GLN C 147 10.22 16.71 -15.84
N SER C 148 9.89 16.05 -16.94
CA SER C 148 8.77 16.45 -17.77
C SER C 148 7.49 15.75 -17.31
N LEU C 149 6.37 16.48 -17.39
CA LEU C 149 5.09 15.90 -17.04
C LEU C 149 4.60 14.88 -18.04
N LYS C 150 5.23 14.78 -19.22
CA LYS C 150 4.86 13.74 -20.18
C LYS C 150 5.18 12.35 -19.65
N ASN C 151 6.06 12.25 -18.66
CA ASN C 151 6.45 10.98 -18.05
C ASN C 151 5.90 10.90 -16.63
N ALA C 152 4.58 10.73 -16.54
CA ALA C 152 3.92 10.73 -15.23
C ALA C 152 4.51 9.67 -14.29
N ASP C 153 5.00 8.58 -14.86
CA ASP C 153 5.69 7.51 -14.14
C ASP C 153 6.68 8.06 -13.10
N LEU C 154 7.45 9.08 -13.47
CA LEU C 154 8.49 9.56 -12.58
C LEU C 154 8.08 10.79 -11.78
N CYS C 155 6.82 11.23 -11.87
CA CYS C 155 6.32 12.38 -11.13
C CYS C 155 5.52 11.92 -9.92
N ILE C 156 5.02 12.88 -9.13
CA ILE C 156 4.31 12.59 -7.89
C ILE C 156 3.01 13.40 -7.85
N ALA C 157 1.88 12.72 -7.89
CA ALA C 157 0.58 13.36 -7.90
C ALA C 157 0.13 13.70 -6.49
N SER C 158 -0.52 14.86 -6.35
CA SER C 158 -1.12 15.23 -5.07
C SER C 158 -2.04 14.13 -4.60
N GLY C 159 -1.95 13.81 -3.31
CA GLY C 159 -2.82 12.81 -2.73
C GLY C 159 -2.33 11.38 -2.81
N THR C 160 -1.21 11.11 -3.48
CA THR C 160 -0.62 9.78 -3.47
C THR C 160 0.33 9.67 -2.28
N LYS C 161 1.00 8.53 -2.16
CA LYS C 161 1.80 8.20 -0.98
C LYS C 161 3.28 8.17 -1.32
N VAL C 162 4.09 8.73 -0.41
CA VAL C 162 5.54 8.71 -0.57
C VAL C 162 6.17 8.22 0.72
N ALA C 163 7.40 7.74 0.59
CA ALA C 163 8.30 7.55 1.71
C ALA C 163 9.45 8.54 1.63
N LEU C 164 10.06 8.81 2.77
CA LEU C 164 11.11 9.81 2.84
C LEU C 164 12.24 9.27 3.71
N PHE C 165 13.47 9.30 3.19
CA PHE C 165 14.59 8.81 4.00
C PHE C 165 15.79 9.73 3.89
N ASN C 166 16.60 9.68 4.93
CA ASN C 166 17.84 10.43 5.00
C ASN C 166 18.99 9.45 5.18
N ARG C 167 20.12 9.75 4.54
CA ARG C 167 21.30 8.92 4.59
C ARG C 167 22.53 9.82 4.75
N LEU C 168 23.40 9.48 5.67
CA LEU C 168 24.59 10.28 5.96
C LEU C 168 25.81 9.73 5.21
N ARG C 169 26.41 10.54 4.34
CA ARG C 169 27.71 10.29 3.69
C ARG C 169 27.77 8.90 3.03
N SER C 170 26.74 8.55 2.26
CA SER C 170 26.74 7.34 1.44
C SER C 170 26.78 6.03 2.25
N GLN C 171 26.36 6.01 3.50
CA GLN C 171 26.54 4.81 4.30
C GLN C 171 25.20 4.12 4.49
N THR C 172 25.12 2.86 4.04
CA THR C 172 23.86 2.13 4.17
C THR C 172 23.42 1.99 5.63
N VAL C 173 24.35 1.91 6.59
CA VAL C 173 23.93 1.71 7.97
C VAL C 173 23.25 2.94 8.56
N SER C 174 23.39 4.11 7.93
CA SER C 174 22.85 5.35 8.47
C SER C 174 21.43 5.65 7.98
N THR C 175 20.88 4.84 7.08
CA THR C 175 19.59 5.13 6.49
C THR C 175 18.52 5.23 7.57
N ARG C 176 17.76 6.33 7.57
CA ARG C 176 16.62 6.50 8.47
C ARG C 176 15.41 7.01 7.68
N TYR C 177 14.25 6.48 8.03
CA TYR C 177 12.98 6.73 7.36
C TYR C 177 12.06 7.55 8.25
N LEU C 178 11.38 8.54 7.67
CA LEU C 178 10.36 9.24 8.42
C LEU C 178 9.24 8.27 8.79
N HIS C 179 8.76 8.37 10.02
CA HIS C 179 7.87 7.35 10.58
C HIS C 179 7.17 7.93 11.79
N VAL C 180 5.95 7.48 12.04
CA VAL C 180 5.16 7.94 13.19
C VAL C 180 4.97 6.77 14.13
N GLU C 181 5.23 7.00 15.41
CA GLU C 181 5.09 5.94 16.41
C GLU C 181 4.71 6.57 17.73
N GLY C 182 3.65 6.04 18.35
CA GLY C 182 3.19 6.56 19.62
C GLY C 182 2.88 8.04 19.60
N GLY C 183 2.32 8.52 18.49
CA GLY C 183 1.90 9.90 18.39
C GLY C 183 2.96 10.90 17.97
N ASN C 184 4.21 10.48 17.76
CA ASN C 184 5.31 11.39 17.46
C ASN C 184 6.00 10.99 16.15
N PHE C 185 6.41 11.99 15.38
CA PHE C 185 7.29 11.72 14.24
C PHE C 185 8.69 11.38 14.74
N HIS C 186 9.33 10.43 14.09
CA HIS C 186 10.72 10.13 14.39
C HIS C 186 11.38 9.59 13.12
N ALA C 187 12.68 9.34 13.19
CA ALA C 187 13.42 8.85 12.02
C ALA C 187 13.87 7.44 12.37
N SER C 188 13.20 6.46 11.80
CA SER C 188 13.43 5.07 12.18
C SER C 188 14.47 4.43 11.28
N SER C 189 15.32 3.62 11.88
CA SER C 189 16.24 2.82 11.08
C SER C 189 15.58 1.56 10.51
N GLN C 190 14.46 1.11 11.08
CA GLN C 190 13.86 -0.16 10.71
C GLN C 190 12.47 -0.06 10.07
N GLN C 191 11.63 0.89 10.46
CA GLN C 191 10.30 1.03 9.89
C GLN C 191 10.20 2.31 9.09
N TRP C 192 9.19 2.38 8.20
CA TRP C 192 8.97 3.58 7.41
C TRP C 192 7.49 3.87 7.27
N GLY C 193 7.15 5.16 7.29
CA GLY C 193 5.78 5.60 7.03
C GLY C 193 5.53 5.81 5.55
N ALA C 194 4.29 5.60 5.16
CA ALA C 194 3.80 5.98 3.83
C ALA C 194 2.89 7.18 4.03
N PHE C 195 3.31 8.33 3.54
CA PHE C 195 2.63 9.59 3.81
C PHE C 195 1.91 10.06 2.56
N TYR C 196 0.62 10.39 2.69
CA TYR C 196 -0.01 11.18 1.64
C TYR C 196 0.69 12.52 1.56
N ILE C 197 0.94 12.99 0.34
CA ILE C 197 1.50 14.31 0.13
C ILE C 197 0.43 15.14 -0.58
N HIS C 198 -0.25 16.00 0.18
CA HIS C 198 -1.36 16.81 -0.32
C HIS C 198 -0.88 18.19 -0.74
N LEU C 199 -1.24 18.60 -1.94
CA LEU C 199 -0.94 19.96 -2.39
C LEU C 199 -1.96 20.94 -1.81
N LEU C 200 -1.48 22.00 -1.16
CA LEU C 200 -2.33 23.07 -0.65
C LEU C 200 -2.19 24.31 -1.52
N ASP C 201 -3.24 25.13 -1.48
CA ASP C 201 -3.15 26.46 -2.07
C ASP C 201 -2.16 27.32 -1.27
N ASP C 202 -1.54 28.26 -1.96
CA ASP C 202 -0.54 29.13 -1.32
C ASP C 202 -1.10 29.89 -0.12
N ASP C 203 -2.38 30.27 -0.16
CA ASP C 203 -2.94 31.07 0.92
C ASP C 203 -3.65 30.23 2.00
N GLU C 204 -3.53 28.90 1.96
CA GLU C 204 -4.15 28.07 2.98
C GLU C 204 -3.45 28.25 4.31
N SER C 205 -4.23 28.56 5.36
CA SER C 205 -3.64 28.80 6.66
C SER C 205 -3.38 27.48 7.38
N GLU C 206 -2.53 27.54 8.41
CA GLU C 206 -2.31 26.37 9.24
C GLU C 206 -3.59 25.98 9.95
N GLY C 207 -3.90 24.69 9.95
CA GLY C 207 -5.14 24.23 10.52
C GLY C 207 -5.23 22.73 10.52
N GLU C 208 -6.09 22.21 11.39
CA GLU C 208 -6.34 20.77 11.43
C GLU C 208 -7.07 20.32 10.17
N GLU C 209 -7.99 21.14 9.68
CA GLU C 209 -8.70 20.89 8.43
C GLU C 209 -8.16 21.83 7.35
N PHE C 210 -8.00 21.31 6.14
CA PHE C 210 -7.42 22.08 5.06
C PHE C 210 -7.98 21.56 3.73
N THR C 211 -7.93 22.43 2.73
CA THR C 211 -8.39 22.13 1.38
C THR C 211 -7.24 21.60 0.53
N VAL C 212 -7.45 20.47 -0.13
CA VAL C 212 -6.42 19.89 -0.98
C VAL C 212 -6.74 20.16 -2.44
N ARG C 213 -5.69 20.28 -3.24
CA ARG C 213 -5.79 20.53 -4.67
C ARG C 213 -5.27 19.31 -5.43
N ASP C 214 -5.64 19.22 -6.69
CA ASP C 214 -5.16 18.18 -7.57
C ASP C 214 -3.98 18.67 -8.40
N GLY C 215 -3.24 17.71 -8.93
CA GLY C 215 -2.12 18.00 -9.82
C GLY C 215 -0.84 17.37 -9.31
N TYR C 216 0.22 17.58 -10.09
CA TYR C 216 1.52 17.03 -9.79
C TYR C 216 2.29 18.01 -8.90
N ILE C 217 3.06 17.46 -7.95
CA ILE C 217 3.81 18.30 -7.02
C ILE C 217 5.01 18.91 -7.72
N HIS C 218 5.17 20.23 -7.60
CA HIS C 218 6.33 20.96 -8.10
C HIS C 218 7.14 21.53 -6.93
N TYR C 219 8.46 21.63 -7.11
CA TYR C 219 9.27 22.33 -6.11
C TYR C 219 8.71 23.74 -5.89
N GLY C 220 8.76 24.19 -4.66
CA GLY C 220 8.24 25.50 -4.31
C GLY C 220 6.77 25.52 -3.93
N GLN C 221 6.05 24.40 -4.06
CA GLN C 221 4.66 24.41 -3.65
C GLN C 221 4.54 24.07 -2.16
N THR C 222 3.39 24.42 -1.57
CA THR C 222 3.08 24.10 -0.19
C THR C 222 2.35 22.76 -0.12
N VAL C 223 2.81 21.89 0.79
CA VAL C 223 2.24 20.55 0.92
C VAL C 223 1.98 20.19 2.37
N LYS C 224 1.09 19.23 2.54
CA LYS C 224 0.81 18.60 3.83
C LYS C 224 1.15 17.12 3.73
N LEU C 225 2.00 16.65 4.63
CA LEU C 225 2.34 15.23 4.74
C LEU C 225 1.50 14.61 5.85
N VAL C 226 0.72 13.58 5.50
CA VAL C 226 -0.18 12.93 6.46
C VAL C 226 0.12 11.44 6.46
N CYS C 227 0.43 10.90 7.63
CA CYS C 227 0.65 9.47 7.76
C CYS C 227 -0.62 8.70 7.38
N SER C 228 -0.49 7.77 6.43
CA SER C 228 -1.64 7.02 5.96
C SER C 228 -2.16 6.04 7.00
N VAL C 229 -1.40 5.76 8.05
CA VAL C 229 -1.82 4.83 9.08
C VAL C 229 -2.33 5.55 10.33
N THR C 230 -1.59 6.56 10.81
CA THR C 230 -1.97 7.23 12.06
C THR C 230 -2.82 8.47 11.85
N GLY C 231 -2.82 9.08 10.67
CA GLY C 231 -3.49 10.36 10.50
C GLY C 231 -2.75 11.58 11.00
N MET C 232 -1.58 11.41 11.62
CA MET C 232 -0.78 12.53 12.07
C MET C 232 -0.22 13.31 10.87
N ALA C 233 -0.10 14.62 11.06
CA ALA C 233 0.44 15.50 10.02
C ALA C 233 1.55 16.35 10.60
N LEU C 234 2.44 16.78 9.73
CA LEU C 234 3.39 17.83 10.01
C LEU C 234 2.76 19.18 9.69
N PRO C 235 3.31 20.27 10.22
CA PRO C 235 2.85 21.60 9.79
C PRO C 235 3.08 21.79 8.30
N ARG C 236 2.41 22.80 7.74
CA ARG C 236 2.57 23.15 6.33
C ARG C 236 4.04 23.25 5.97
N LEU C 237 4.42 22.60 4.86
CA LEU C 237 5.80 22.60 4.41
C LEU C 237 5.88 23.16 3.00
N ILE C 238 7.02 23.76 2.66
CA ILE C 238 7.34 24.07 1.28
C ILE C 238 8.42 23.10 0.85
N ILE C 239 8.10 22.27 -0.14
CA ILE C 239 9.04 21.27 -0.62
C ILE C 239 10.01 21.95 -1.57
N ARG C 240 11.30 21.90 -1.25
CA ARG C 240 12.31 22.61 -2.01
C ARG C 240 13.34 21.66 -2.59
N LYS C 241 13.90 22.05 -3.72
CA LYS C 241 14.84 21.20 -4.43
C LYS C 241 16.22 21.34 -3.83
N VAL C 242 16.87 20.21 -3.59
CA VAL C 242 18.20 20.19 -2.99
C VAL C 242 19.23 20.02 -4.10
N ASP C 243 20.30 20.79 -4.02
CA ASP C 243 21.42 20.69 -4.94
C ASP C 243 22.68 20.71 -4.08
N LYS C 244 23.45 19.62 -4.11
CA LYS C 244 24.57 19.38 -3.20
C LYS C 244 24.00 19.50 -1.79
N GLN C 245 24.43 20.45 -0.97
CA GLN C 245 23.87 20.58 0.36
C GLN C 245 23.17 21.93 0.56
N THR C 246 22.47 22.40 -0.48
CA THR C 246 21.73 23.64 -0.43
C THR C 246 20.30 23.41 -0.89
N ALA C 247 19.37 24.22 -0.39
CA ALA C 247 18.01 24.24 -0.90
C ALA C 247 17.90 25.39 -1.88
N LEU C 248 17.35 25.12 -3.06
CA LEU C 248 17.05 26.19 -4.02
C LEU C 248 15.70 26.81 -3.69
N LEU C 249 15.68 28.13 -3.50
CA LEU C 249 14.42 28.78 -3.19
C LEU C 249 13.56 29.02 -4.43
N ASP C 250 14.17 29.06 -5.61
CA ASP C 250 13.49 29.49 -6.83
C ASP C 250 13.18 28.37 -7.82
N ALA C 251 13.63 27.14 -7.56
CA ALA C 251 13.30 26.03 -8.46
C ALA C 251 11.82 25.72 -8.39
N ASP C 252 11.22 25.42 -9.55
CA ASP C 252 9.78 25.17 -9.61
C ASP C 252 9.42 24.05 -10.58
N ASP C 253 10.36 23.19 -10.93
CA ASP C 253 10.08 22.07 -11.81
C ASP C 253 9.35 20.97 -11.05
N PRO C 254 8.80 19.96 -11.74
CA PRO C 254 8.09 18.88 -11.04
C PRO C 254 9.03 18.01 -10.20
N VAL C 255 8.54 17.60 -9.03
CA VAL C 255 9.31 16.73 -8.14
C VAL C 255 9.42 15.35 -8.77
N SER C 256 10.62 14.76 -8.70
CA SER C 256 10.93 13.51 -9.41
C SER C 256 11.22 12.39 -8.42
N GLN C 257 10.98 11.15 -8.86
CA GLN C 257 11.27 9.99 -8.02
C GLN C 257 12.73 9.96 -7.61
N LEU C 258 12.99 9.64 -6.36
CA LEU C 258 14.34 9.48 -5.80
C LEU C 258 15.14 10.78 -5.81
N HIS C 259 14.53 11.93 -6.04
CA HIS C 259 15.29 13.17 -5.91
C HIS C 259 15.41 13.61 -4.45
N LYS C 260 16.47 14.35 -4.16
CA LYS C 260 16.66 14.90 -2.82
C LYS C 260 15.82 16.17 -2.65
N CYS C 261 15.21 16.31 -1.47
CA CYS C 261 14.19 17.30 -1.16
C CYS C 261 14.47 17.88 0.22
N ALA C 262 14.19 19.16 0.39
CA ALA C 262 14.18 19.79 1.70
C ALA C 262 12.79 20.34 1.99
N PHE C 263 12.35 20.24 3.24
CA PHE C 263 11.00 20.69 3.62
C PHE C 263 11.14 21.89 4.54
N TYR C 264 10.88 23.07 3.99
CA TYR C 264 10.90 24.31 4.76
C TYR C 264 9.60 24.41 5.54
N LEU C 265 9.70 24.65 6.85
CA LEU C 265 8.51 24.84 7.66
C LEU C 265 7.92 26.21 7.37
N LYS C 266 6.73 26.24 6.79
CA LYS C 266 6.20 27.48 6.26
C LYS C 266 6.05 28.51 7.37
N ASP C 267 6.30 29.78 7.00
CA ASP C 267 6.19 30.92 7.90
C ASP C 267 7.11 30.80 9.12
N THR C 268 8.30 30.22 8.94
CA THR C 268 9.34 30.27 9.97
C THR C 268 10.56 31.01 9.44
N GLU C 269 11.54 31.22 10.32
CA GLU C 269 12.83 31.80 9.95
C GLU C 269 13.78 30.71 9.46
N ARG C 270 13.63 30.36 8.17
CA ARG C 270 14.56 29.43 7.51
C ARG C 270 14.69 28.10 8.25
N MET C 271 13.59 27.64 8.84
CA MET C 271 13.58 26.37 9.59
C MET C 271 13.22 25.22 8.65
N TYR C 272 14.00 24.15 8.68
CA TYR C 272 13.76 22.98 7.83
C TYR C 272 13.59 21.73 8.67
N LEU C 273 12.74 20.83 8.18
CA LEU C 273 12.57 19.51 8.80
C LEU C 273 13.88 18.72 8.76
N CYS C 274 14.30 18.21 9.90
CA CYS C 274 15.66 17.73 10.05
C CYS C 274 15.68 16.58 11.04
N LEU C 275 16.43 15.53 10.75
CA LEU C 275 16.62 14.53 11.78
C LEU C 275 17.96 14.79 12.48
N SER C 276 18.03 14.35 13.73
CA SER C 276 19.25 14.30 14.50
C SER C 276 19.23 12.94 15.19
N GLN C 277 19.95 11.98 14.62
CA GLN C 277 19.85 10.57 15.04
C GLN C 277 18.39 10.18 14.91
N GLU C 278 17.72 9.68 15.96
CA GLU C 278 16.32 9.30 15.85
C GLU C 278 15.36 10.49 15.93
N ARG C 279 15.78 11.64 16.46
CA ARG C 279 14.87 12.77 16.66
C ARG C 279 14.55 13.50 15.36
N ILE C 280 13.29 13.91 15.23
CA ILE C 280 12.85 14.83 14.18
C ILE C 280 12.70 16.20 14.80
N ILE C 281 13.37 17.19 14.25
CA ILE C 281 13.38 18.56 14.75
C ILE C 281 13.27 19.50 13.55
N GLN C 282 13.24 20.79 13.82
CA GLN C 282 13.48 21.82 12.81
C GLN C 282 14.83 22.47 13.09
N PHE C 283 15.55 22.83 12.03
CA PHE C 283 16.93 23.30 12.15
C PHE C 283 17.13 24.43 11.16
N GLN C 284 17.74 25.54 11.62
CA GLN C 284 17.77 26.76 10.84
C GLN C 284 18.86 26.69 9.76
N ALA C 285 18.50 27.04 8.53
CA ALA C 285 19.46 27.06 7.45
C ALA C 285 20.26 28.35 7.47
N THR C 286 21.41 28.34 6.79
CA THR C 286 22.26 29.52 6.72
C THR C 286 22.24 30.11 5.31
N PRO C 287 22.04 31.41 5.16
CA PRO C 287 22.01 32.00 3.82
C PRO C 287 23.36 31.81 3.12
N CYS C 288 23.30 31.60 1.81
CA CYS C 288 24.48 31.27 1.02
C CYS C 288 25.29 32.54 0.74
N PRO C 289 26.62 32.42 0.70
CA PRO C 289 27.46 33.59 0.39
C PRO C 289 27.20 34.10 -1.03
N LYS C 290 26.84 35.38 -1.13
CA LYS C 290 26.66 36.11 -2.38
C LYS C 290 25.57 35.52 -3.27
N GLU C 291 24.76 34.59 -2.75
CA GLU C 291 23.65 33.99 -3.50
C GLU C 291 22.42 34.03 -2.62
N GLN C 292 21.39 34.73 -3.06
CA GLN C 292 20.18 34.88 -2.26
C GLN C 292 19.12 33.84 -2.57
N ASN C 293 19.30 33.06 -3.63
CA ASN C 293 18.32 32.07 -4.05
C ASN C 293 18.60 30.68 -3.49
N LYS C 294 19.56 30.55 -2.58
CA LYS C 294 19.93 29.25 -2.05
C LYS C 294 20.22 29.38 -0.56
N GLU C 295 19.98 28.31 0.18
CA GLU C 295 20.28 28.27 1.60
C GLU C 295 20.98 26.96 1.93
N MET C 296 22.02 27.06 2.74
CA MET C 296 22.76 25.89 3.22
C MET C 296 21.95 25.19 4.31
N ILE C 297 21.86 23.87 4.23
CA ILE C 297 21.01 23.12 5.16
C ILE C 297 21.85 22.06 5.87
N ASN C 298 21.34 21.63 7.02
CA ASN C 298 21.95 20.58 7.84
C ASN C 298 21.95 19.23 7.09
N ASP C 299 22.96 18.40 7.38
CA ASP C 299 23.04 17.05 6.81
C ASP C 299 21.73 16.30 6.99
N GLY C 300 21.08 16.51 8.13
CA GLY C 300 19.83 15.85 8.43
C GLY C 300 18.62 16.40 7.71
N ALA C 301 18.77 17.46 6.94
CA ALA C 301 17.63 18.14 6.32
C ALA C 301 17.40 17.73 4.87
N SER C 302 18.18 16.80 4.35
CA SER C 302 18.07 16.39 2.96
C SER C 302 17.35 15.04 2.94
N TRP C 303 16.21 14.97 2.26
CA TRP C 303 15.34 13.78 2.25
C TRP C 303 15.17 13.29 0.83
N THR C 304 15.34 11.98 0.62
CA THR C 304 15.03 11.35 -0.65
C THR C 304 13.56 10.95 -0.68
N ILE C 305 12.86 11.32 -1.74
CA ILE C 305 11.42 11.10 -1.82
C ILE C 305 11.17 9.99 -2.84
N ILE C 306 10.22 9.11 -2.55
CA ILE C 306 9.91 8.03 -3.48
C ILE C 306 8.45 7.62 -3.29
N SER C 307 7.74 7.45 -4.40
CA SER C 307 6.34 7.01 -4.34
C SER C 307 6.23 5.56 -3.89
N THR C 308 5.20 5.26 -3.11
CA THR C 308 4.99 3.90 -2.62
C THR C 308 3.61 3.40 -3.02
N ASP C 309 3.39 2.09 -2.85
CA ASP C 309 2.16 1.43 -3.31
C ASP C 309 1.86 0.31 -2.33
N LYS C 310 0.73 -0.36 -2.57
CA LYS C 310 0.21 -1.33 -1.62
C LYS C 310 -0.54 -2.41 -2.37
N ALA C 311 -0.12 -3.66 -2.22
CA ALA C 311 -0.92 -4.79 -2.66
C ALA C 311 -1.61 -5.38 -1.45
N GLU C 312 -2.86 -5.79 -1.62
CA GLU C 312 -3.68 -6.25 -0.51
C GLU C 312 -4.52 -7.44 -0.95
N TYR C 313 -4.49 -8.53 -0.19
CA TYR C 313 -5.25 -9.73 -0.55
C TYR C 313 -5.92 -10.32 0.68
N THR C 314 -7.19 -10.72 0.53
CA THR C 314 -7.99 -11.18 1.65
C THR C 314 -8.67 -12.49 1.31
N PHE C 315 -8.60 -13.46 2.22
CA PHE C 315 -9.17 -14.79 1.99
C PHE C 315 -9.62 -15.41 3.31
N TYR C 316 -10.47 -16.42 3.20
CA TYR C 316 -11.02 -17.16 4.33
C TYR C 316 -11.39 -18.56 3.86
N GLU C 317 -11.00 -19.56 4.64
CA GLU C 317 -11.29 -20.95 4.31
C GLU C 317 -12.71 -21.26 4.78
N GLY C 318 -13.68 -21.04 3.88
CA GLY C 318 -15.08 -21.11 4.28
C GLY C 318 -15.57 -22.52 4.58
N MET C 319 -14.94 -23.53 3.99
CA MET C 319 -15.23 -24.93 4.30
C MET C 319 -14.00 -25.61 4.91
N GLY C 320 -13.13 -24.86 5.57
CA GLY C 320 -11.96 -25.44 6.20
C GLY C 320 -10.78 -25.55 5.25
N PRO C 321 -9.70 -26.18 5.72
CA PRO C 321 -8.46 -26.21 4.94
C PRO C 321 -8.64 -26.91 3.61
N VAL C 322 -7.90 -26.45 2.61
CA VAL C 322 -8.00 -27.03 1.28
C VAL C 322 -6.62 -27.38 0.77
N LEU C 323 -6.59 -28.27 -0.22
CA LEU C 323 -5.33 -28.68 -0.81
C LEU C 323 -4.74 -27.54 -1.64
N ALA C 324 -5.54 -26.91 -2.50
CA ALA C 324 -5.00 -25.90 -3.38
C ALA C 324 -4.59 -24.66 -2.59
N PRO C 325 -3.54 -23.96 -3.03
CA PRO C 325 -3.25 -22.65 -2.43
C PRO C 325 -4.44 -21.73 -2.64
N VAL C 326 -4.58 -20.77 -1.74
CA VAL C 326 -5.69 -19.82 -1.86
C VAL C 326 -5.43 -18.74 -2.89
N THR C 327 -4.20 -18.67 -3.43
CA THR C 327 -3.77 -17.71 -4.43
C THR C 327 -3.90 -18.31 -5.83
N PRO C 328 -3.97 -17.49 -6.88
CA PRO C 328 -4.02 -16.02 -6.87
C PRO C 328 -5.34 -15.51 -6.30
N VAL C 329 -5.27 -14.52 -5.42
CA VAL C 329 -6.45 -14.03 -4.73
C VAL C 329 -7.17 -13.01 -5.61
N PRO C 330 -8.45 -13.21 -5.94
CA PRO C 330 -9.15 -12.19 -6.72
C PRO C 330 -9.29 -10.88 -5.96
N VAL C 331 -9.24 -9.78 -6.70
CA VAL C 331 -9.38 -8.44 -6.14
C VAL C 331 -10.42 -7.73 -7.00
N VAL C 332 -11.50 -7.25 -6.38
CA VAL C 332 -12.54 -6.53 -7.09
C VAL C 332 -12.29 -5.05 -6.89
N GLU C 333 -12.15 -4.32 -7.99
CA GLU C 333 -11.94 -2.88 -7.97
C GLU C 333 -13.25 -2.12 -8.10
N SER C 334 -14.21 -2.61 -8.90
CA SER C 334 -15.46 -1.87 -9.08
C SER C 334 -16.59 -2.81 -9.50
N LEU C 335 -17.81 -2.37 -9.24
CA LEU C 335 -19.02 -3.03 -9.68
C LEU C 335 -19.79 -2.09 -10.60
N GLN C 336 -20.34 -2.61 -11.69
CA GLN C 336 -21.10 -1.81 -12.63
C GLN C 336 -22.40 -2.51 -12.99
N LEU C 337 -23.50 -1.78 -12.92
CA LEU C 337 -24.80 -2.31 -13.30
C LEU C 337 -24.97 -2.21 -14.81
N ASN C 338 -25.58 -3.23 -15.41
CA ASN C 338 -25.80 -3.26 -16.86
C ASN C 338 -26.72 -4.41 -17.30
N ASP C 342 -32.79 -6.94 -20.84
CA ASP C 342 -33.01 -8.33 -20.42
C ASP C 342 -33.08 -8.43 -18.90
N VAL C 343 -32.43 -9.44 -18.33
CA VAL C 343 -32.31 -9.56 -16.88
C VAL C 343 -31.18 -8.66 -16.39
N ALA C 344 -31.32 -8.19 -15.15
CA ALA C 344 -30.32 -7.30 -14.57
C ALA C 344 -29.02 -8.06 -14.33
N MET C 345 -27.92 -7.54 -14.86
CA MET C 345 -26.63 -8.15 -14.67
C MET C 345 -25.73 -7.16 -13.93
N LEU C 346 -24.79 -7.71 -13.17
CA LEU C 346 -23.80 -6.92 -12.45
C LEU C 346 -22.42 -7.29 -12.98
N GLU C 347 -21.64 -6.30 -13.38
CA GLU C 347 -20.31 -6.52 -13.92
C GLU C 347 -19.25 -6.23 -12.86
N LEU C 348 -18.35 -7.19 -12.65
CA LEU C 348 -17.23 -7.03 -11.74
C LEU C 348 -15.98 -6.75 -12.56
N THR C 349 -15.23 -5.72 -12.15
CA THR C 349 -13.92 -5.42 -12.73
C THR C 349 -12.85 -5.58 -11.65
N GLY C 350 -11.74 -6.22 -12.02
CA GLY C 350 -10.64 -6.41 -11.08
C GLY C 350 -9.51 -7.26 -11.63
N GLN C 351 -8.91 -8.11 -10.79
CA GLN C 351 -7.80 -8.96 -11.20
C GLN C 351 -7.96 -10.34 -10.59
N ASN C 352 -7.31 -11.32 -11.24
CA ASN C 352 -7.16 -12.68 -10.76
C ASN C 352 -8.48 -13.46 -10.72
N PHE C 353 -9.45 -13.07 -11.53
CA PHE C 353 -10.68 -13.84 -11.64
C PHE C 353 -10.39 -15.15 -12.36
N THR C 354 -11.17 -16.19 -12.06
CA THR C 354 -11.01 -17.50 -12.67
C THR C 354 -12.38 -18.11 -12.91
N PRO C 355 -12.47 -19.15 -13.75
CA PRO C 355 -13.77 -19.80 -13.98
C PRO C 355 -14.28 -20.61 -12.80
N ASN C 356 -13.48 -20.82 -11.77
CA ASN C 356 -13.98 -21.55 -10.61
C ASN C 356 -14.58 -20.63 -9.55
N LEU C 357 -14.84 -19.36 -9.87
CA LEU C 357 -15.41 -18.42 -8.90
C LEU C 357 -16.90 -18.23 -9.13
N ARG C 358 -17.64 -18.01 -8.03
CA ARG C 358 -19.03 -17.60 -8.11
C ARG C 358 -19.23 -16.34 -7.29
N VAL C 359 -20.04 -15.42 -7.80
CA VAL C 359 -20.43 -14.25 -7.01
C VAL C 359 -21.57 -14.64 -6.09
N TRP C 360 -21.45 -14.31 -4.82
CA TRP C 360 -22.55 -14.39 -3.88
C TRP C 360 -23.02 -12.99 -3.51
N PHE C 361 -24.34 -12.79 -3.48
CA PHE C 361 -24.97 -11.61 -2.89
C PHE C 361 -25.51 -12.05 -1.54
N GLY C 362 -24.92 -11.56 -0.45
CA GLY C 362 -25.34 -12.07 0.85
C GLY C 362 -25.12 -13.57 0.85
N ASP C 363 -26.09 -14.34 1.34
CA ASP C 363 -25.98 -15.80 1.32
C ASP C 363 -26.62 -16.43 0.08
N VAL C 364 -26.80 -15.67 -1.00
CA VAL C 364 -27.39 -16.18 -2.22
C VAL C 364 -26.32 -16.26 -3.30
N GLU C 365 -26.04 -17.46 -3.77
CA GLU C 365 -25.09 -17.66 -4.86
C GLU C 365 -25.74 -17.30 -6.19
N ALA C 366 -25.05 -16.50 -7.00
CA ALA C 366 -25.63 -16.02 -8.24
C ALA C 366 -24.99 -16.73 -9.44
N GLU C 367 -25.79 -16.87 -10.49
CA GLU C 367 -25.28 -17.35 -11.76
C GLU C 367 -24.18 -16.40 -12.25
N THR C 368 -23.01 -16.96 -12.53
CA THR C 368 -21.81 -16.18 -12.79
C THR C 368 -21.21 -16.59 -14.12
N MET C 369 -20.79 -15.61 -14.90
CA MET C 369 -20.22 -15.83 -16.22
C MET C 369 -18.81 -15.25 -16.26
N TYR C 370 -17.82 -16.12 -16.36
CA TYR C 370 -16.44 -15.70 -16.42
C TYR C 370 -16.10 -15.27 -17.85
N ARG C 371 -15.46 -14.11 -17.98
CA ARG C 371 -15.02 -13.62 -19.28
C ARG C 371 -13.51 -13.58 -19.40
N CYS C 372 -12.82 -13.02 -18.41
CA CYS C 372 -11.37 -13.11 -18.36
C CYS C 372 -10.90 -12.80 -16.94
N GLY C 373 -9.58 -12.72 -16.76
CA GLY C 373 -9.00 -12.47 -15.45
C GLY C 373 -9.40 -11.15 -14.83
N GLU C 374 -9.90 -10.20 -15.64
CA GLU C 374 -10.24 -8.86 -15.17
C GLU C 374 -11.73 -8.55 -15.22
N SER C 375 -12.57 -9.44 -15.74
CA SER C 375 -13.97 -9.12 -15.90
C SER C 375 -14.86 -10.34 -15.70
N MET C 376 -15.91 -10.18 -14.90
CA MET C 376 -16.91 -11.22 -14.66
C MET C 376 -18.31 -10.60 -14.69
N LEU C 377 -19.29 -11.40 -15.13
CA LEU C 377 -20.68 -11.01 -15.19
C LEU C 377 -21.49 -11.93 -14.29
N CYS C 378 -22.42 -11.37 -13.55
CA CYS C 378 -23.31 -12.22 -12.76
C CYS C 378 -24.73 -11.69 -12.83
N VAL C 379 -25.68 -12.58 -12.57
CA VAL C 379 -27.09 -12.25 -12.63
C VAL C 379 -27.56 -11.84 -11.23
N VAL C 380 -28.14 -10.66 -11.13
CA VAL C 380 -28.59 -10.14 -9.83
C VAL C 380 -29.78 -10.95 -9.35
N PRO C 381 -29.77 -11.46 -8.12
CA PRO C 381 -30.91 -12.23 -7.65
C PRO C 381 -32.14 -11.35 -7.51
N ASP C 382 -33.29 -11.97 -7.72
CA ASP C 382 -34.52 -11.23 -7.48
C ASP C 382 -34.56 -10.75 -6.04
N ILE C 383 -35.24 -9.61 -5.81
CA ILE C 383 -35.33 -9.06 -4.47
C ILE C 383 -35.98 -10.03 -3.49
N SER C 384 -36.76 -10.98 -4.00
CA SER C 384 -37.49 -11.87 -3.11
C SER C 384 -36.57 -12.84 -2.39
N ALA C 385 -35.33 -13.00 -2.84
CA ALA C 385 -34.37 -13.85 -2.16
C ALA C 385 -33.88 -13.23 -0.86
N PHE C 386 -34.16 -11.95 -0.63
CA PHE C 386 -33.77 -11.26 0.58
C PHE C 386 -34.94 -10.72 1.38
N ARG C 387 -36.11 -10.51 0.75
CA ARG C 387 -37.34 -10.07 1.42
C ARG C 387 -38.48 -10.90 0.85
N GLU C 388 -38.95 -11.90 1.61
CA GLU C 388 -39.80 -12.96 1.08
C GLU C 388 -41.13 -12.46 0.52
N GLY C 389 -41.59 -11.29 0.91
CA GLY C 389 -42.89 -10.85 0.42
C GLY C 389 -42.81 -9.96 -0.79
N TRP C 390 -41.62 -9.42 -1.06
CA TRP C 390 -41.49 -8.32 -1.99
C TRP C 390 -41.57 -8.82 -3.43
N ARG C 391 -42.50 -8.23 -4.20
CA ARG C 391 -42.53 -8.41 -5.65
C ARG C 391 -41.87 -7.25 -6.36
N TRP C 392 -41.40 -6.26 -5.62
CA TRP C 392 -40.61 -5.13 -6.11
C TRP C 392 -39.90 -4.53 -4.91
N VAL C 393 -38.99 -3.61 -5.17
CA VAL C 393 -38.13 -3.07 -4.12
C VAL C 393 -38.87 -1.91 -3.44
N ARG C 394 -39.38 -2.17 -2.23
CA ARG C 394 -40.19 -1.18 -1.51
C ARG C 394 -39.32 -0.19 -0.74
N GLN C 395 -38.23 -0.66 -0.15
CA GLN C 395 -37.24 0.16 0.53
C GLN C 395 -35.86 -0.31 0.11
N PRO C 396 -34.85 0.55 0.21
CA PRO C 396 -33.49 0.12 -0.18
C PRO C 396 -33.03 -1.07 0.64
N VAL C 397 -32.34 -2.01 -0.02
CA VAL C 397 -31.80 -3.20 0.64
C VAL C 397 -30.37 -3.39 0.16
N GLN C 398 -29.44 -3.41 1.11
CA GLN C 398 -28.01 -3.46 0.84
C GLN C 398 -27.49 -4.84 1.24
N VAL C 399 -26.70 -5.45 0.36
CA VAL C 399 -26.17 -6.79 0.64
C VAL C 399 -24.68 -6.83 0.29
N PRO C 400 -23.89 -7.63 0.99
CA PRO C 400 -22.47 -7.73 0.65
C PRO C 400 -22.28 -8.52 -0.64
N VAL C 401 -21.20 -8.20 -1.34
CA VAL C 401 -20.78 -8.90 -2.55
C VAL C 401 -19.48 -9.63 -2.24
N THR C 402 -19.43 -10.93 -2.55
CA THR C 402 -18.36 -11.82 -2.14
C THR C 402 -18.04 -12.79 -3.27
N LEU C 403 -16.75 -13.09 -3.47
CA LEU C 403 -16.35 -14.11 -4.43
C LEU C 403 -16.04 -15.40 -3.68
N VAL C 404 -16.49 -16.53 -4.24
CA VAL C 404 -16.34 -17.83 -3.61
C VAL C 404 -15.77 -18.80 -4.64
N ARG C 405 -14.75 -19.55 -4.25
CA ARG C 405 -14.16 -20.58 -5.09
C ARG C 405 -14.85 -21.92 -4.86
N ASN C 406 -14.75 -22.80 -5.88
CA ASN C 406 -15.45 -24.09 -5.85
C ASN C 406 -15.00 -25.01 -4.71
N ASP C 407 -13.86 -24.74 -4.06
CA ASP C 407 -13.48 -25.50 -2.88
C ASP C 407 -13.76 -24.73 -1.58
N GLY C 408 -14.63 -23.74 -1.61
CA GLY C 408 -15.07 -23.08 -0.39
C GLY C 408 -14.25 -21.90 0.09
N VAL C 409 -13.12 -21.57 -0.55
CA VAL C 409 -12.41 -20.36 -0.15
C VAL C 409 -13.27 -19.15 -0.46
N ILE C 410 -13.36 -18.23 0.50
CA ILE C 410 -14.18 -17.03 0.42
C ILE C 410 -13.27 -15.82 0.28
N TYR C 411 -13.54 -14.97 -0.71
CA TYR C 411 -12.73 -13.79 -0.99
C TYR C 411 -13.59 -12.55 -0.82
N SER C 412 -13.56 -11.93 0.34
CA SER C 412 -14.46 -10.80 0.56
C SER C 412 -14.00 -9.60 -0.23
N THR C 413 -14.97 -8.79 -0.66
CA THR C 413 -14.73 -7.47 -1.19
C THR C 413 -15.15 -6.45 -0.14
N SER C 414 -14.78 -5.21 -0.36
CA SER C 414 -15.32 -4.16 0.48
C SER C 414 -16.64 -3.62 -0.08
N LEU C 415 -17.16 -4.22 -1.14
CA LEU C 415 -18.21 -3.61 -1.93
C LEU C 415 -19.55 -4.26 -1.62
N THR C 416 -20.59 -3.45 -1.75
CA THR C 416 -21.95 -3.87 -1.49
C THR C 416 -22.78 -3.53 -2.71
N PHE C 417 -23.88 -4.27 -2.86
CA PHE C 417 -24.88 -3.99 -3.86
C PHE C 417 -26.13 -3.53 -3.13
N THR C 418 -26.78 -2.50 -3.65
CA THR C 418 -27.98 -1.96 -3.02
C THR C 418 -29.14 -2.03 -4.01
N TYR C 419 -30.19 -2.74 -3.63
CA TYR C 419 -31.44 -2.75 -4.38
C TYR C 419 -32.15 -1.41 -4.15
N THR C 420 -32.45 -0.69 -5.24
CA THR C 420 -33.03 0.64 -5.12
C THR C 420 -34.47 0.64 -5.57
N PRO C 421 -35.38 1.28 -4.83
CA PRO C 421 -36.79 1.28 -5.21
C PRO C 421 -37.00 2.00 -6.53
N GLU C 422 -38.08 1.65 -7.22
CA GLU C 422 -38.37 2.23 -8.52
C GLU C 422 -38.96 3.61 -8.35
N PRO C 423 -38.30 4.68 -8.82
CA PRO C 423 -38.87 6.04 -8.72
C PRO C 423 -39.73 6.41 -9.94
N LYS D 1 -11.98 17.43 -1.70
CA LYS D 1 -11.80 18.87 -1.53
C LYS D 1 -11.08 19.22 -0.23
N LYS D 2 -11.48 18.58 0.88
CA LYS D 2 -10.96 18.92 2.19
C LYS D 2 -10.43 17.69 2.90
N ALA D 3 -9.37 17.87 3.68
CA ALA D 3 -8.77 16.79 4.46
C ALA D 3 -8.62 17.26 5.91
N THR D 4 -8.40 16.30 6.81
CA THR D 4 -8.21 16.62 8.21
C THR D 4 -7.13 15.72 8.82
N ALA D 5 -6.41 16.27 9.80
CA ALA D 5 -5.25 15.60 10.40
C ALA D 5 -4.77 16.39 11.61
N THR D 6 -4.44 15.67 12.67
CA THR D 6 -3.86 16.27 13.86
C THR D 6 -2.41 16.66 13.59
N THR D 7 -2.06 17.91 13.89
CA THR D 7 -0.75 18.44 13.52
C THR D 7 0.24 18.23 14.67
N TRP D 8 1.35 17.56 14.38
CA TRP D 8 2.39 17.34 15.37
C TRP D 8 3.34 18.55 15.42
N MET D 9 3.68 18.97 16.62
CA MET D 9 4.59 20.10 16.79
C MET D 9 6.03 19.64 16.62
N VAL D 10 6.79 20.37 15.80
CA VAL D 10 8.17 20.04 15.51
C VAL D 10 9.06 20.76 16.53
N PRO D 11 9.75 20.04 17.42
CA PRO D 11 10.65 20.72 18.37
C PRO D 11 11.82 21.36 17.67
N THR D 12 12.42 22.35 18.33
CA THR D 12 13.60 23.01 17.80
C THR D 12 14.88 22.44 18.44
N ALA D 13 15.98 22.60 17.71
CA ALA D 13 17.34 22.29 18.16
C ALA D 13 17.57 22.67 19.63
#